data_5DBE
#
_entry.id   5DBE
#
_cell.length_a   112.643
_cell.length_b   112.643
_cell.length_c   45.898
_cell.angle_alpha   90.00
_cell.angle_beta   90.00
_cell.angle_gamma   90.00
#
_symmetry.space_group_name_H-M   'I 41'
#
loop_
_entity.id
_entity.type
_entity.pdbx_description
1 polymer 'Cysteine synthase'
2 polymer 'C-terminal peptide from Serine acetyltransferase'
3 non-polymer GLYCEROL
4 non-polymer O-ACETYLSERINE
5 non-polymer '2-{[(E)-{3-hydroxy-2-methyl-5-[(phosphonooxy)methyl]pyridin-4-yl}methylidene]amino}prop-2-enoic acid'
6 water water
#
loop_
_entity_poly.entity_id
_entity_poly.type
_entity_poly.pdbx_seq_one_letter_code
_entity_poly.pdbx_strand_id
1 'polypeptide(L)'
;HHHHHHSSGLVPRGSHMAIYADNSYSIGNTPLVRLKHFGHNGNVVVKIEGRNPSYSVKCRIGANMVWQAEKDGTLTKGKE
IVDATSGNTGIALAYVAAARGYKITLTMPETMSLERKRLLCGLGVNLVLTEGAKGMKGAIAKAEEIVASDPSRYVMLKQF
ENPANPQIHRETTGPEIWKDTDGKVDVVVAGVGTGGSITGISRAIKLDFGKQITSVAVEPVESPVISQTLAGEEVKPGPH
KIQGIGAGFIPKNLDLSIIDRVETVDSDTALATARRLMAEEGILAGISSGAAVAAADRLAKLPEFADKLIVVILPSASER
YLSTALFEGIEG
;
X
2 'polypeptide(L)' HHTFEYGDGI A
#
loop_
_chem_comp.id
_chem_comp.type
_chem_comp.name
_chem_comp.formula
0JO non-polymer '2-{[(E)-{3-hydroxy-2-methyl-5-[(phosphonooxy)methyl]pyridin-4-yl}methylidene]amino}prop-2-enoic acid' 'C11 H13 N2 O7 P'
GOL non-polymer GLYCEROL 'C3 H8 O3'
#
# COMPACT_ATOMS: atom_id res chain seq x y z
N MET A 17 28.11 -12.62 -4.65
CA MET A 17 27.29 -12.52 -5.86
C MET A 17 25.85 -12.12 -5.56
N ALA A 18 25.49 -10.88 -5.92
CA ALA A 18 24.12 -10.39 -5.74
C ALA A 18 23.23 -10.80 -6.91
N ILE A 19 22.95 -12.11 -6.98
CA ILE A 19 22.03 -12.65 -7.96
C ILE A 19 20.86 -13.31 -7.22
N TYR A 20 19.64 -12.82 -7.45
CA TYR A 20 18.47 -13.39 -6.80
C TYR A 20 18.00 -14.69 -7.46
N ALA A 21 17.65 -15.68 -6.62
CA ALA A 21 17.25 -17.00 -7.12
C ALA A 21 15.91 -16.93 -7.86
N ASP A 22 15.06 -15.95 -7.50
CA ASP A 22 13.88 -15.64 -8.31
C ASP A 22 13.49 -14.19 -8.07
N ASN A 23 12.51 -13.70 -8.81
CA ASN A 23 12.19 -12.28 -8.77
C ASN A 23 11.68 -11.84 -7.39
N SER A 24 11.10 -12.76 -6.62
CA SER A 24 10.56 -12.39 -5.30
C SER A 24 11.61 -11.86 -4.33
N TYR A 25 12.85 -12.33 -4.45
CA TYR A 25 13.90 -11.91 -3.52
C TYR A 25 14.46 -10.54 -3.84
N SER A 26 14.07 -9.97 -4.98
CA SER A 26 14.62 -8.68 -5.42
C SER A 26 13.79 -7.49 -4.92
N ILE A 27 12.83 -7.76 -4.03
CA ILE A 27 11.96 -6.70 -3.48
C ILE A 27 12.73 -5.63 -2.71
N GLY A 28 12.19 -4.41 -2.68
CA GLY A 28 12.69 -3.37 -1.81
C GLY A 28 13.91 -2.62 -2.30
N ASN A 29 14.66 -2.08 -1.35
CA ASN A 29 15.73 -1.11 -1.60
C ASN A 29 15.31 0.02 -2.54
N THR A 30 14.09 0.53 -2.34
CA THR A 30 13.55 1.61 -3.15
C THR A 30 14.18 2.95 -2.73
N PRO A 31 14.24 3.91 -3.68
CA PRO A 31 15.01 5.15 -3.44
C PRO A 31 14.23 6.25 -2.74
N LEU A 32 14.97 7.14 -2.10
CA LEU A 32 14.42 8.34 -1.48
C LEU A 32 14.72 9.54 -2.37
N VAL A 33 13.68 10.26 -2.79
CA VAL A 33 13.87 11.42 -3.64
C VAL A 33 13.33 12.69 -2.95
N ARG A 34 14.14 13.75 -2.89
CA ARG A 34 13.71 15.00 -2.27
C ARG A 34 12.78 15.75 -3.23
N LEU A 35 11.68 16.28 -2.70
CA LEU A 35 10.75 17.07 -3.52
C LEU A 35 11.17 18.54 -3.59
N LYS A 36 10.99 19.16 -4.76
CA LYS A 36 11.43 20.53 -4.98
C LYS A 36 10.27 21.51 -4.99
N HIS A 37 9.06 21.04 -5.33
CA HIS A 37 7.92 21.94 -5.45
C HIS A 37 6.83 21.66 -4.43
N PHE A 38 7.18 20.88 -3.41
CA PHE A 38 6.32 20.65 -2.26
C PHE A 38 7.16 20.85 -1.03
N GLY A 39 6.51 21.05 0.12
CA GLY A 39 7.22 21.21 1.36
C GLY A 39 7.92 22.56 1.48
N HIS A 40 8.76 22.67 2.49
CA HIS A 40 9.48 23.91 2.76
C HIS A 40 10.94 23.59 2.90
N ASN A 41 11.72 24.11 1.97
CA ASN A 41 13.16 23.90 1.92
C ASN A 41 13.59 22.44 2.01
N GLY A 42 12.95 21.60 1.20
CA GLY A 42 13.37 20.22 1.05
C GLY A 42 13.04 19.31 2.22
N ASN A 43 12.04 19.66 3.02
CA ASN A 43 11.69 18.82 4.16
C ASN A 43 10.78 17.64 3.80
N VAL A 44 10.33 17.57 2.55
CA VAL A 44 9.51 16.45 2.11
C VAL A 44 10.30 15.53 1.18
N VAL A 45 10.42 14.26 1.58
CA VAL A 45 11.16 13.29 0.82
C VAL A 45 10.23 12.14 0.52
N VAL A 46 10.32 11.59 -0.69
CA VAL A 46 9.40 10.52 -1.09
C VAL A 46 10.12 9.19 -1.32
N LYS A 47 9.44 8.10 -0.96
CA LYS A 47 10.00 6.77 -1.14
C LYS A 47 9.29 6.08 -2.29
N ILE A 48 10.02 5.76 -3.33
CA ILE A 48 9.39 5.39 -4.58
C ILE A 48 9.26 3.85 -4.68
N GLU A 49 8.12 3.37 -4.20
CA GLU A 49 7.81 1.93 -4.16
C GLU A 49 7.34 1.45 -5.52
N GLY A 50 7.23 2.38 -6.45
CA GLY A 50 7.00 2.03 -7.84
C GLY A 50 8.17 1.21 -8.37
N ARG A 51 9.34 1.36 -7.74
CA ARG A 51 10.52 0.63 -8.22
C ARG A 51 10.73 -0.68 -7.49
N ASN A 52 9.80 -1.59 -7.75
CA ASN A 52 9.78 -2.91 -7.14
C ASN A 52 9.47 -3.92 -8.25
N PRO A 53 9.74 -5.22 -8.02
CA PRO A 53 9.54 -6.27 -9.03
C PRO A 53 8.24 -6.17 -9.84
N SER A 54 7.10 -5.98 -9.19
CA SER A 54 5.86 -5.85 -9.96
C SER A 54 5.35 -4.43 -9.83
N TYR A 55 6.28 -3.54 -9.44
CA TYR A 55 6.14 -2.09 -9.55
C TYR A 55 5.14 -1.46 -8.59
N SER A 56 4.96 -2.08 -7.43
CA SER A 56 4.22 -1.43 -6.35
C SER A 56 4.78 -1.88 -5.02
N VAL A 57 4.42 -1.15 -3.98
CA VAL A 57 4.81 -1.51 -2.62
C VAL A 57 4.35 -2.93 -2.20
N LYS A 58 3.27 -3.42 -2.81
CA LYS A 58 2.70 -4.71 -2.43
C LYS A 58 3.61 -5.88 -2.78
N CYS A 59 4.59 -5.64 -3.65
CA CYS A 59 5.57 -6.68 -3.97
C CYS A 59 6.18 -7.26 -2.71
N ARG A 60 6.35 -6.40 -1.72
CA ARG A 60 6.99 -6.78 -0.48
C ARG A 60 6.13 -7.78 0.26
N ILE A 61 4.82 -7.55 0.32
CA ILE A 61 3.96 -8.47 1.05
C ILE A 61 3.53 -9.68 0.20
N GLY A 62 3.54 -9.53 -1.12
CA GLY A 62 3.25 -10.68 -1.97
C GLY A 62 4.31 -11.72 -1.73
N ALA A 63 5.56 -11.26 -1.64
CA ALA A 63 6.66 -12.17 -1.40
C ALA A 63 6.57 -12.76 0.01
N ASN A 64 6.45 -11.91 1.03
CA ASN A 64 6.58 -12.43 2.39
C ASN A 64 5.41 -13.31 2.83
N MET A 65 4.21 -13.00 2.36
CA MET A 65 3.05 -13.80 2.73
C MET A 65 3.22 -15.19 2.15
N VAL A 66 3.66 -15.25 0.90
CA VAL A 66 3.94 -16.54 0.29
C VAL A 66 5.11 -17.23 1.02
N TRP A 67 6.20 -16.50 1.26
CA TRP A 67 7.34 -17.07 2.00
C TRP A 67 6.94 -17.65 3.37
N GLN A 68 6.20 -16.88 4.17
CA GLN A 68 5.82 -17.31 5.50
C GLN A 68 4.91 -18.51 5.46
N ALA A 69 4.01 -18.53 4.48
CA ALA A 69 3.05 -19.62 4.37
C ALA A 69 3.77 -20.93 4.00
N GLU A 70 4.90 -20.80 3.29
CA GLU A 70 5.77 -21.94 2.98
C GLU A 70 6.45 -22.41 4.25
N LYS A 71 6.88 -21.44 5.05
CA LYS A 71 7.68 -21.70 6.24
C LYS A 71 6.89 -22.41 7.32
N ASP A 72 5.58 -22.16 7.39
CA ASP A 72 4.78 -22.93 8.32
C ASP A 72 3.81 -23.84 7.58
N GLY A 73 4.26 -24.39 6.46
CA GLY A 73 3.59 -25.52 5.84
C GLY A 73 2.17 -25.38 5.33
N THR A 74 1.55 -24.22 5.49
CA THR A 74 0.21 -24.06 4.91
C THR A 74 0.22 -23.88 3.40
N LEU A 75 1.35 -23.43 2.86
CA LEU A 75 1.50 -23.38 1.42
C LEU A 75 2.50 -24.44 1.00
N THR A 76 2.05 -25.33 0.13
CA THR A 76 2.87 -26.42 -0.36
C THR A 76 2.61 -26.61 -1.87
N LYS A 77 3.47 -27.37 -2.53
CA LYS A 77 3.23 -27.70 -3.93
C LYS A 77 1.88 -28.41 -4.06
N GLY A 78 1.05 -27.94 -4.99
CA GLY A 78 -0.28 -28.53 -5.17
C GLY A 78 -1.39 -27.79 -4.46
N LYS A 79 -1.04 -26.88 -3.54
CA LYS A 79 -2.02 -25.97 -2.98
C LYS A 79 -2.18 -24.80 -3.91
N GLU A 80 -3.37 -24.19 -3.94
CA GLU A 80 -3.63 -23.05 -4.79
C GLU A 80 -3.90 -21.79 -3.98
N ILE A 81 -3.21 -20.71 -4.32
CA ILE A 81 -3.33 -19.46 -3.60
C ILE A 81 -4.68 -18.80 -3.89
N VAL A 82 -5.27 -18.19 -2.86
CA VAL A 82 -6.41 -17.28 -3.02
C VAL A 82 -6.22 -16.02 -2.13
N ASP A 83 -6.72 -14.87 -2.59
CA ASP A 83 -6.94 -13.72 -1.72
C ASP A 83 -7.80 -12.69 -2.48
N ALA A 84 -8.01 -11.52 -1.87
CA ALA A 84 -8.76 -10.42 -2.49
C ALA A 84 -7.91 -9.15 -2.48
N THR A 85 -8.01 -8.37 -3.55
CA THR A 85 -7.05 -7.28 -3.77
C THR A 85 -7.69 -6.04 -4.37
N ASN A 88 -3.18 -4.20 -6.50
CA ASN A 88 -1.73 -4.31 -6.56
C ASN A 88 -1.25 -5.54 -5.82
N THR A 89 -1.99 -5.95 -4.79
CA THR A 89 -1.64 -7.17 -4.05
C THR A 89 -1.78 -8.39 -4.96
N GLY A 90 -2.85 -8.41 -5.75
CA GLY A 90 -3.03 -9.42 -6.78
C GLY A 90 -1.86 -9.54 -7.74
N ILE A 91 -1.41 -8.41 -8.30
CA ILE A 91 -0.29 -8.39 -9.24
C ILE A 91 0.98 -8.83 -8.52
N ALA A 92 1.10 -8.45 -7.25
CA ALA A 92 2.22 -8.92 -6.43
C ALA A 92 2.19 -10.44 -6.21
N LEU A 93 1.05 -10.98 -5.80
CA LEU A 93 0.95 -12.42 -5.55
C LEU A 93 1.10 -13.22 -6.82
N ALA A 94 0.58 -12.66 -7.91
CA ALA A 94 0.65 -13.31 -9.22
C ALA A 94 2.09 -13.49 -9.70
N TYR A 95 2.93 -12.45 -9.62
CA TYR A 95 4.29 -12.64 -10.12
C TYR A 95 5.05 -13.58 -9.16
N VAL A 96 4.70 -13.56 -7.87
CA VAL A 96 5.38 -14.44 -6.92
C VAL A 96 4.95 -15.89 -7.18
N ALA A 97 3.65 -16.09 -7.42
CA ALA A 97 3.10 -17.39 -7.75
C ALA A 97 3.77 -17.94 -9.01
N ALA A 98 3.93 -17.07 -10.00
CA ALA A 98 4.58 -17.46 -11.26
C ALA A 98 6.05 -17.79 -11.02
N ALA A 99 6.76 -16.88 -10.37
CA ALA A 99 8.19 -17.10 -10.05
C ALA A 99 8.49 -18.37 -9.23
N ARG A 100 7.58 -18.75 -8.33
CA ARG A 100 7.87 -19.86 -7.40
C ARG A 100 7.06 -21.11 -7.72
N GLY A 101 6.17 -21.01 -8.70
CA GLY A 101 5.47 -22.18 -9.20
C GLY A 101 4.24 -22.55 -8.40
N TYR A 102 3.34 -21.59 -8.16
CA TYR A 102 2.06 -21.86 -7.54
C TYR A 102 0.92 -21.49 -8.47
N LYS A 103 -0.20 -22.20 -8.33
CA LYS A 103 -1.44 -21.79 -8.97
C LYS A 103 -2.07 -20.67 -8.14
N ILE A 104 -2.89 -19.84 -8.78
CA ILE A 104 -3.48 -18.73 -8.04
C ILE A 104 -4.81 -18.23 -8.61
N THR A 105 -5.81 -18.15 -7.72
CA THR A 105 -7.09 -17.53 -8.02
C THR A 105 -7.18 -16.24 -7.22
N LEU A 106 -7.82 -15.22 -7.80
CA LEU A 106 -7.94 -13.93 -7.14
C LEU A 106 -9.34 -13.35 -7.28
N THR A 107 -9.63 -12.36 -6.43
CA THR A 107 -10.84 -11.55 -6.58
C THR A 107 -10.48 -10.08 -6.41
N MET A 108 -11.12 -9.24 -7.19
CA MET A 108 -10.81 -7.82 -7.24
C MET A 108 -12.08 -7.05 -7.55
N PRO A 109 -12.23 -5.86 -6.96
CA PRO A 109 -13.41 -5.06 -7.36
C PRO A 109 -13.28 -4.61 -8.83
N GLU A 110 -14.36 -4.87 -9.58
CA GLU A 110 -14.50 -4.50 -10.99
C GLU A 110 -14.06 -3.08 -11.32
N THR A 111 -14.14 -2.23 -10.31
CA THR A 111 -13.97 -0.80 -10.43
C THR A 111 -12.49 -0.40 -10.64
N MET A 112 -11.58 -1.34 -10.38
CA MET A 112 -10.14 -1.06 -10.44
C MET A 112 -9.64 -0.94 -11.89
N SER A 113 -8.49 -0.28 -12.07
CA SER A 113 -8.00 0.09 -13.39
C SER A 113 -7.78 -1.12 -14.31
N LEU A 114 -8.09 -0.94 -15.59
CA LEU A 114 -7.99 -1.99 -16.59
C LEU A 114 -6.59 -2.62 -16.69
N GLU A 115 -5.55 -1.80 -16.54
CA GLU A 115 -4.19 -2.31 -16.69
C GLU A 115 -3.80 -3.29 -15.57
N ARG A 116 -4.44 -3.23 -14.41
CA ARG A 116 -4.18 -4.24 -13.41
C ARG A 116 -5.02 -5.47 -13.71
N LYS A 117 -6.17 -5.28 -14.33
CA LYS A 117 -6.95 -6.41 -14.84
C LYS A 117 -6.17 -7.16 -15.91
N ARG A 118 -5.64 -6.39 -16.86
CA ARG A 118 -4.92 -6.94 -18.01
C ARG A 118 -3.64 -7.66 -17.58
N LEU A 119 -2.92 -7.05 -16.66
CA LEU A 119 -1.68 -7.61 -16.16
C LEU A 119 -1.88 -9.00 -15.50
N LEU A 120 -2.93 -9.13 -14.70
CA LEU A 120 -3.17 -10.38 -13.96
C LEU A 120 -3.36 -11.54 -14.92
N CYS A 121 -4.09 -11.30 -16.00
CA CYS A 121 -4.36 -12.36 -16.97
C CYS A 121 -3.08 -12.88 -17.59
N GLY A 122 -2.18 -11.96 -17.95
CA GLY A 122 -0.91 -12.33 -18.53
C GLY A 122 0.01 -13.05 -17.56
N LEU A 123 -0.23 -12.88 -16.26
CA LEU A 123 0.61 -13.50 -15.25
C LEU A 123 0.17 -14.92 -14.91
N GLY A 124 -0.97 -15.35 -15.47
CA GLY A 124 -1.47 -16.70 -15.28
C GLY A 124 -2.58 -16.85 -14.24
N VAL A 125 -3.13 -15.74 -13.80
CA VAL A 125 -4.13 -15.75 -12.74
C VAL A 125 -5.49 -16.28 -13.20
N ASN A 126 -6.19 -16.96 -12.31
CA ASN A 126 -7.62 -17.16 -12.48
C ASN A 126 -8.35 -15.94 -11.91
N LEU A 127 -8.82 -15.04 -12.78
CA LEU A 127 -9.44 -13.82 -12.29
C LEU A 127 -10.93 -13.96 -12.05
N VAL A 128 -11.43 -13.19 -11.08
CA VAL A 128 -12.86 -13.12 -10.73
C VAL A 128 -13.18 -11.70 -10.21
N LEU A 129 -13.74 -10.87 -11.07
CA LEU A 129 -14.08 -9.50 -10.68
C LEU A 129 -15.33 -9.53 -9.80
N THR A 130 -15.44 -8.56 -8.91
CA THR A 130 -16.57 -8.45 -8.00
C THR A 130 -17.26 -7.10 -8.19
N GLU A 131 -18.45 -6.93 -7.63
CA GLU A 131 -19.24 -5.72 -7.92
C GLU A 131 -18.66 -4.50 -7.19
N GLY A 132 -18.55 -3.40 -7.94
CA GLY A 132 -17.83 -2.21 -7.48
C GLY A 132 -18.47 -1.53 -6.28
N ALA A 133 -19.80 -1.48 -6.26
CA ALA A 133 -20.54 -0.84 -5.17
C ALA A 133 -20.23 -1.51 -3.83
N LYS A 134 -19.99 -2.81 -3.86
CA LYS A 134 -19.64 -3.54 -2.64
C LYS A 134 -18.15 -3.37 -2.27
N GLY A 135 -17.37 -2.85 -3.19
CA GLY A 135 -15.95 -2.57 -2.95
C GLY A 135 -15.13 -3.73 -2.43
N MET A 136 -14.18 -3.42 -1.54
CA MET A 136 -13.27 -4.45 -1.01
C MET A 136 -13.98 -5.47 -0.15
N LYS A 137 -14.95 -5.03 0.65
CA LYS A 137 -15.77 -5.94 1.46
C LYS A 137 -16.38 -7.01 0.58
N GLY A 138 -16.92 -6.58 -0.56
CA GLY A 138 -17.43 -7.49 -1.57
C GLY A 138 -16.34 -8.39 -2.09
N ALA A 139 -15.18 -7.82 -2.39
CA ALA A 139 -14.04 -8.61 -2.86
C ALA A 139 -13.66 -9.70 -1.86
N ILE A 140 -13.69 -9.36 -0.57
CA ILE A 140 -13.38 -10.30 0.49
C ILE A 140 -14.55 -11.25 0.73
N LYS A 142 -16.85 -12.35 -1.09
CA LYS A 142 -16.73 -13.07 -2.35
C LYS A 142 -15.29 -13.42 -2.65
N ALA A 143 -14.70 -14.20 -1.76
CA ALA A 143 -13.36 -14.77 -1.93
C ALA A 143 -13.19 -15.81 -0.85
N GLU A 144 -13.64 -15.45 0.35
CA GLU A 144 -13.75 -16.41 1.44
C GLU A 144 -14.78 -17.46 1.04
N GLU A 145 -15.73 -17.06 0.20
CA GLU A 145 -16.61 -17.98 -0.50
C GLU A 145 -15.82 -19.08 -1.17
N ILE A 146 -14.83 -18.65 -1.96
CA ILE A 146 -14.06 -19.54 -2.82
C ILE A 146 -13.32 -20.64 -2.06
N VAL A 147 -12.47 -20.24 -1.11
CA VAL A 147 -11.81 -21.19 -0.23
C VAL A 147 -12.84 -21.93 0.64
N ASP A 150 -14.30 -24.98 -0.51
CA ASP A 150 -13.60 -26.17 -0.05
C ASP A 150 -12.10 -25.92 0.17
N PRO A 151 -11.64 -26.08 1.43
CA PRO A 151 -10.21 -25.96 1.78
C PRO A 151 -9.34 -27.06 1.18
N SER A 152 -8.36 -27.54 1.94
CA SER A 152 -7.41 -28.57 1.49
C SER A 152 -6.67 -28.23 0.18
N ARG A 153 -7.38 -27.79 -0.85
CA ARG A 153 -6.72 -27.31 -2.07
C ARG A 153 -6.29 -25.85 -1.91
N TYR A 154 -7.24 -24.97 -1.60
CA TYR A 154 -6.95 -23.53 -1.59
C TYR A 154 -6.38 -23.06 -0.26
N VAL A 155 -5.55 -22.03 -0.31
CA VAL A 155 -5.16 -21.32 0.90
C VAL A 155 -5.30 -19.82 0.68
N MET A 156 -6.05 -19.18 1.57
CA MET A 156 -6.25 -17.75 1.49
C MET A 156 -5.17 -17.04 2.29
N LEU A 157 -4.52 -16.05 1.70
CA LEU A 157 -3.42 -15.37 2.39
C LEU A 157 -3.86 -14.19 3.27
N LYS A 158 -5.02 -13.61 2.98
CA LYS A 158 -5.66 -12.63 3.87
C LYS A 158 -4.80 -11.42 4.20
N GLN A 159 -4.52 -10.58 3.21
CA GLN A 159 -3.64 -9.42 3.39
C GLN A 159 -4.10 -8.41 4.47
N PHE A 160 -5.41 -8.26 4.65
CA PHE A 160 -5.93 -7.34 5.66
C PHE A 160 -5.70 -7.74 7.12
N GLU A 161 -5.35 -9.00 7.38
CA GLU A 161 -5.07 -9.44 8.76
C GLU A 161 -3.80 -10.27 8.92
N ASN A 162 -3.23 -10.74 7.81
CA ASN A 162 -2.03 -11.55 7.85
C ASN A 162 -0.83 -10.76 8.36
N PRO A 163 -0.30 -11.13 9.52
CA PRO A 163 0.79 -10.36 10.15
C PRO A 163 2.07 -10.32 9.30
N ALA A 164 2.22 -11.27 8.37
CA ALA A 164 3.37 -11.29 7.47
C ALA A 164 3.37 -10.07 6.54
N ASN A 165 2.22 -9.41 6.42
CA ASN A 165 2.09 -8.15 5.69
C ASN A 165 2.82 -7.03 6.47
N PRO A 166 2.37 -6.65 7.68
CA PRO A 166 3.19 -5.62 8.33
C PRO A 166 4.66 -6.01 8.60
N GLN A 167 4.95 -7.26 8.95
CA GLN A 167 6.34 -7.55 9.33
C GLN A 167 7.37 -7.49 8.19
N ILE A 168 6.97 -7.63 6.93
CA ILE A 168 7.95 -7.41 5.85
C ILE A 168 8.28 -5.91 5.80
N HIS A 169 7.31 -5.06 6.10
CA HIS A 169 7.58 -3.62 6.17
C HIS A 169 8.43 -3.27 7.39
N ARG A 170 8.25 -4.01 8.49
CA ARG A 170 9.10 -3.84 9.65
C ARG A 170 10.53 -4.31 9.40
N GLU A 171 10.68 -5.26 8.48
CA GLU A 171 11.98 -5.90 8.27
C GLU A 171 12.80 -5.23 7.16
N THR A 172 12.10 -4.61 6.20
CA THR A 172 12.78 -4.02 5.06
C THR A 172 12.44 -2.55 4.88
N THR A 173 11.16 -2.22 4.66
CA THR A 173 10.80 -0.83 4.29
C THR A 173 11.20 0.20 5.35
N GLY A 174 10.92 -0.11 6.62
CA GLY A 174 11.27 0.78 7.73
C GLY A 174 12.79 0.93 7.86
N PRO A 175 13.53 -0.19 7.96
CA PRO A 175 14.99 -0.13 7.95
C PRO A 175 15.57 0.62 6.74
N GLU A 176 14.97 0.47 5.55
CA GLU A 176 15.45 1.21 4.39
C GLU A 176 15.34 2.71 4.63
N ILE A 177 14.24 3.12 5.25
CA ILE A 177 13.99 4.52 5.58
C ILE A 177 14.95 5.02 6.66
N TRP A 178 15.15 4.21 7.69
CA TRP A 178 16.09 4.57 8.73
C TRP A 178 17.50 4.78 8.20
N LYS A 179 17.99 3.81 7.44
CA LYS A 179 19.35 3.83 6.93
C LYS A 179 19.59 4.99 5.95
N ASP A 180 18.66 5.19 5.02
CA ASP A 180 18.86 6.18 3.97
C ASP A 180 18.78 7.60 4.51
N THR A 181 18.08 7.77 5.62
CA THR A 181 18.00 9.08 6.28
C THR A 181 18.98 9.22 7.42
N ASP A 182 19.81 8.20 7.64
CA ASP A 182 20.77 8.20 8.74
C ASP A 182 20.10 8.47 10.08
N GLY A 183 18.90 7.92 10.31
CA GLY A 183 18.18 8.11 11.56
C GLY A 183 17.51 9.46 11.72
N LYS A 184 17.47 10.25 10.65
CA LYS A 184 16.98 11.61 10.74
C LYS A 184 15.51 11.77 10.43
N VAL A 185 14.88 10.72 9.92
CA VAL A 185 13.46 10.77 9.63
C VAL A 185 12.71 11.19 10.90
N ASP A 186 11.82 12.18 10.79
CA ASP A 186 11.01 12.63 11.92
C ASP A 186 9.54 12.27 11.72
N VAL A 187 9.13 12.14 10.47
CA VAL A 187 7.72 11.94 10.17
C VAL A 187 7.61 10.94 9.03
N VAL A 188 6.63 10.05 9.12
CA VAL A 188 6.34 9.12 8.03
C VAL A 188 4.87 9.29 7.65
N VAL A 189 4.64 9.61 6.38
CA VAL A 189 3.28 9.77 5.88
C VAL A 189 2.99 8.64 4.91
N ALA A 190 1.92 7.89 5.20
CA ALA A 190 1.53 6.77 4.35
C ALA A 190 0.01 6.60 4.29
N GLY A 191 -0.51 6.39 3.08
CA GLY A 191 -1.91 6.08 2.95
C GLY A 191 -2.19 4.70 3.51
N VAL A 192 -3.43 4.48 3.93
CA VAL A 192 -3.76 3.22 4.56
C VAL A 192 -4.77 2.42 3.76
N GLY A 193 -4.37 1.21 3.37
CA GLY A 193 -5.27 0.25 2.76
C GLY A 193 -5.49 -0.88 3.75
N THR A 194 -4.59 -1.86 3.72
CA THR A 194 -4.51 -2.89 4.76
C THR A 194 -3.89 -2.36 6.04
N GLY A 195 -3.15 -1.25 5.93
CA GLY A 195 -2.45 -0.68 7.06
C GLY A 195 -1.08 -1.30 7.33
N GLY A 196 -0.71 -2.29 6.53
CA GLY A 196 0.56 -2.98 6.70
C GLY A 196 1.77 -2.07 6.63
N SER A 197 1.77 -1.15 5.67
CA SER A 197 2.93 -0.28 5.46
C SER A 197 3.22 0.58 6.67
N ILE A 198 2.25 1.39 7.09
CA ILE A 198 2.52 2.33 8.17
C ILE A 198 2.76 1.62 9.50
N THR A 199 2.17 0.44 9.67
CA THR A 199 2.35 -0.34 10.89
C THR A 199 3.77 -0.88 11.02
N GLY A 200 4.23 -1.63 10.02
CA GLY A 200 5.56 -2.20 10.05
C GLY A 200 6.64 -1.14 10.09
N ILE A 201 6.47 -0.09 9.29
CA ILE A 201 7.42 1.03 9.26
C ILE A 201 7.49 1.71 10.62
N SER A 202 6.32 1.99 11.22
CA SER A 202 6.29 2.68 12.51
C SER A 202 6.90 1.81 13.60
N ARG A 203 6.56 0.52 13.61
CA ARG A 203 7.12 -0.39 14.58
C ARG A 203 8.64 -0.47 14.49
N ALA A 204 9.17 -0.57 13.27
CA ALA A 204 10.62 -0.57 13.06
C ALA A 204 11.31 0.66 13.64
N ILE A 205 10.81 1.83 13.28
CA ILE A 205 11.53 3.04 13.62
C ILE A 205 11.30 3.42 15.10
N LYS A 206 10.08 3.19 15.58
CA LYS A 206 9.76 3.48 16.98
C LYS A 206 10.27 2.43 17.95
N LEU A 207 10.09 1.16 17.64
CA LEU A 207 10.41 0.10 18.60
C LEU A 207 11.80 -0.50 18.37
N ASP A 208 12.16 -0.73 17.10
CA ASP A 208 13.45 -1.35 16.81
C ASP A 208 14.56 -0.31 16.85
N PHE A 209 14.34 0.87 16.27
CA PHE A 209 15.41 1.87 16.26
C PHE A 209 15.23 2.94 17.33
N GLY A 210 14.11 2.91 18.03
CA GLY A 210 13.96 3.71 19.23
C GLY A 210 13.72 5.20 19.01
N LYS A 211 13.26 5.58 17.82
CA LYS A 211 13.02 6.99 17.60
C LYS A 211 11.53 7.34 17.54
N GLN A 212 11.15 8.32 18.35
CA GLN A 212 9.78 8.74 18.48
C GLN A 212 9.37 9.66 17.33
N ILE A 213 9.16 9.09 16.16
CA ILE A 213 8.71 9.87 15.02
C ILE A 213 7.20 10.15 15.08
N THR A 214 6.69 10.92 14.12
CA THR A 214 5.26 11.10 13.95
C THR A 214 4.76 10.21 12.82
N SER A 215 3.92 9.23 13.12
CA SER A 215 3.37 8.37 12.09
C SER A 215 2.02 8.93 11.67
N VAL A 216 1.91 9.23 10.38
CA VAL A 216 0.73 9.88 9.84
C VAL A 216 0.03 8.94 8.88
N ALA A 217 -1.16 8.50 9.25
CA ALA A 217 -2.00 7.70 8.36
C ALA A 217 -2.78 8.61 7.42
N VAL A 218 -2.90 8.26 6.15
CA VAL A 218 -3.73 9.07 5.27
C VAL A 218 -4.94 8.28 4.73
N GLU A 219 -6.09 8.94 4.72
CA GLU A 219 -7.31 8.29 4.26
C GLU A 219 -8.09 9.30 3.46
N PRO A 220 -9.05 8.82 2.64
CA PRO A 220 -9.81 9.80 1.85
C PRO A 220 -10.82 10.56 2.72
N VAL A 221 -11.09 11.81 2.38
CA VAL A 221 -12.05 12.58 3.14
C VAL A 221 -13.43 11.99 2.85
N GLU A 222 -13.56 11.31 1.71
CA GLU A 222 -14.80 10.66 1.29
C GLU A 222 -15.20 9.47 2.18
N SER A 223 -14.22 8.90 2.86
CA SER A 223 -14.41 7.67 3.63
C SER A 223 -13.46 7.66 4.83
N PRO A 224 -13.66 8.60 5.76
CA PRO A 224 -12.68 8.83 6.83
C PRO A 224 -12.93 7.96 8.06
N VAL A 225 -12.89 6.64 7.90
CA VAL A 225 -13.33 5.77 8.97
C VAL A 225 -12.34 5.71 10.13
N ILE A 226 -11.06 5.95 9.86
CA ILE A 226 -10.09 5.97 10.94
C ILE A 226 -10.32 7.23 11.80
N SER A 227 -10.49 8.38 11.15
CA SER A 227 -10.79 9.63 11.85
C SER A 227 -12.06 9.54 12.69
N GLN A 228 -13.13 9.02 12.09
CA GLN A 228 -14.41 8.83 12.79
C GLN A 228 -14.29 7.86 13.97
N THR A 229 -13.54 6.77 13.77
CA THR A 229 -13.37 5.79 14.84
C THR A 229 -12.64 6.45 16.01
N LEU A 230 -11.49 7.05 15.73
CA LEU A 230 -10.69 7.68 16.78
C LEU A 230 -11.43 8.80 17.52
N ALA A 231 -12.39 9.44 16.84
CA ALA A 231 -13.19 10.50 17.44
C ALA A 231 -14.40 9.96 18.17
N GLY A 232 -14.60 8.65 18.11
CA GLY A 232 -15.77 8.02 18.72
C GLY A 232 -17.05 8.47 18.05
N GLU A 233 -16.98 8.68 16.74
CA GLU A 233 -18.13 9.11 15.95
C GLU A 233 -18.66 8.00 15.07
N GLU A 234 -19.79 8.28 14.42
CA GLU A 234 -20.43 7.33 13.53
C GLU A 234 -19.50 6.99 12.37
N VAL A 235 -19.17 5.72 12.23
CA VAL A 235 -18.39 5.27 11.08
C VAL A 235 -19.26 5.21 9.84
N LYS A 236 -18.96 6.09 8.89
CA LYS A 236 -19.73 6.19 7.66
C LYS A 236 -18.80 6.16 6.45
N PRO A 237 -18.51 4.98 5.93
CA PRO A 237 -17.59 5.01 4.79
C PRO A 237 -18.29 5.55 3.56
N GLY A 238 -17.52 5.90 2.54
CA GLY A 238 -18.07 6.39 1.30
C GLY A 238 -17.19 6.03 0.11
N PRO A 239 -17.73 6.18 -1.09
CA PRO A 239 -17.00 5.96 -2.34
C PRO A 239 -15.99 7.07 -2.65
N HIS A 240 -14.86 6.71 -3.26
CA HIS A 240 -13.79 7.66 -3.57
C HIS A 240 -12.93 7.13 -4.73
N LYS A 241 -12.02 7.95 -5.26
CA LYS A 241 -11.25 7.56 -6.43
C LYS A 241 -9.80 7.19 -6.14
N ILE A 242 -9.41 7.20 -4.86
CA ILE A 242 -8.00 6.99 -4.52
C ILE A 242 -7.70 5.48 -4.37
N GLN A 243 -7.46 4.83 -5.50
CA GLN A 243 -7.24 3.37 -5.52
C GLN A 243 -6.09 2.98 -4.62
N GLY A 244 -6.29 1.97 -3.78
CA GLY A 244 -5.26 1.57 -2.85
C GLY A 244 -5.58 1.78 -1.39
N ILE A 245 -6.33 2.83 -1.09
CA ILE A 245 -6.58 3.18 0.29
C ILE A 245 -8.08 3.33 0.52
N GLY A 246 -8.48 3.52 1.76
CA GLY A 246 -9.87 3.77 2.06
C GLY A 246 -10.72 2.54 1.89
N ALA A 247 -10.34 1.47 2.59
CA ALA A 247 -11.07 0.21 2.54
C ALA A 247 -12.50 0.34 3.09
N GLY A 248 -12.79 1.39 3.85
CA GLY A 248 -14.12 1.55 4.41
C GLY A 248 -14.31 0.89 5.76
N PHE A 249 -13.24 0.32 6.29
CA PHE A 249 -13.26 -0.26 7.63
C PHE A 249 -11.87 -0.16 8.20
N ILE A 250 -11.74 -0.41 9.50
CA ILE A 250 -10.44 -0.55 10.14
C ILE A 250 -9.92 -1.98 9.99
N PRO A 251 -8.83 -2.16 9.22
CA PRO A 251 -8.23 -3.48 9.02
C PRO A 251 -7.42 -3.92 10.24
N LYS A 252 -7.34 -5.23 10.49
CA LYS A 252 -6.55 -5.75 11.61
C LYS A 252 -5.08 -5.38 11.48
N ASN A 253 -4.61 -5.25 10.24
CA ASN A 253 -3.21 -4.91 10.02
C ASN A 253 -2.93 -3.42 10.13
N LEU A 254 -3.90 -2.64 10.61
CA LEU A 254 -3.60 -1.27 11.02
C LEU A 254 -3.49 -1.20 12.53
N ASP A 255 -2.27 -1.04 13.02
CA ASP A 255 -2.02 -0.87 14.44
C ASP A 255 -2.32 0.59 14.86
N LEU A 256 -3.52 0.83 15.39
CA LEU A 256 -3.94 2.19 15.77
C LEU A 256 -3.04 2.81 16.83
N SER A 257 -2.41 1.99 17.66
CA SER A 257 -1.57 2.44 18.76
C SER A 257 -0.30 3.19 18.34
N ILE A 258 0.22 2.92 17.14
CA ILE A 258 1.42 3.65 16.69
C ILE A 258 1.08 4.78 15.73
N ILE A 259 -0.22 5.00 15.47
CA ILE A 259 -0.64 6.13 14.64
C ILE A 259 -0.78 7.39 15.48
N ASP A 260 0.02 8.40 15.17
CA ASP A 260 0.01 9.68 15.90
C ASP A 260 -0.97 10.69 15.31
N ARG A 261 -1.25 10.57 14.02
CA ARG A 261 -2.02 11.59 13.34
C ARG A 261 -2.78 10.98 12.15
N VAL A 262 -3.95 11.52 11.82
CA VAL A 262 -4.65 11.04 10.65
C VAL A 262 -4.97 12.25 9.80
N GLU A 263 -4.60 12.18 8.52
CA GLU A 263 -4.89 13.26 7.59
C GLU A 263 -5.88 12.75 6.58
N THR A 264 -6.85 13.58 6.22
CA THR A 264 -7.75 13.19 5.14
C THR A 264 -7.44 14.00 3.88
N VAL A 265 -7.67 13.40 2.72
CA VAL A 265 -7.39 14.05 1.44
C VAL A 265 -8.52 13.72 0.45
N ASP A 266 -8.92 14.68 -0.37
CA ASP A 266 -10.00 14.41 -1.30
C ASP A 266 -9.46 13.87 -2.61
N SER A 267 -10.33 13.21 -3.36
CA SER A 267 -9.91 12.56 -4.60
C SER A 267 -9.33 13.49 -5.65
N ASP A 268 -10.00 14.62 -5.89
CA ASP A 268 -9.55 15.58 -6.90
C ASP A 268 -8.16 16.10 -6.58
N THR A 269 -7.97 16.56 -5.35
CA THR A 269 -6.66 16.99 -4.90
C THR A 269 -5.58 15.91 -5.00
N ALA A 270 -5.94 14.66 -4.70
CA ALA A 270 -5.00 13.54 -4.81
C ALA A 270 -4.58 13.32 -6.26
N LEU A 271 -5.55 13.32 -7.16
CA LEU A 271 -5.31 13.26 -8.60
C LEU A 271 -4.42 14.44 -9.07
N ALA A 272 -4.80 15.67 -8.72
CA ALA A 272 -4.02 16.85 -9.12
C ALA A 272 -2.59 16.78 -8.61
N THR A 273 -2.42 16.27 -7.40
CA THR A 273 -1.10 16.17 -6.78
C THR A 273 -0.24 15.13 -7.52
N ALA A 274 -0.85 14.00 -7.90
CA ALA A 274 -0.13 12.98 -8.66
C ALA A 274 0.33 13.53 -10.03
N ARG A 275 -0.54 14.30 -10.69
CA ARG A 275 -0.17 14.94 -11.95
C ARG A 275 0.99 15.91 -11.78
N ARG A 276 0.95 16.66 -10.68
CA ARG A 276 2.03 17.60 -10.40
C ARG A 276 3.35 16.89 -10.16
N LEU A 277 3.31 15.77 -9.45
CA LEU A 277 4.49 14.95 -9.21
C LEU A 277 5.11 14.58 -10.54
N MET A 278 4.26 14.23 -11.51
CA MET A 278 4.72 13.84 -12.83
C MET A 278 5.34 15.01 -13.59
N ALA A 279 4.58 16.10 -13.72
CA ALA A 279 4.96 17.21 -14.58
C ALA A 279 5.97 18.16 -13.94
N GLU A 280 6.01 18.23 -12.62
CA GLU A 280 6.91 19.18 -11.97
C GLU A 280 8.09 18.52 -11.30
N GLU A 281 7.94 17.26 -10.92
CA GLU A 281 9.04 16.57 -10.26
C GLU A 281 9.65 15.48 -11.12
N GLY A 282 8.95 15.10 -12.20
CA GLY A 282 9.43 14.01 -13.03
C GLY A 282 9.32 12.67 -12.32
N ILE A 283 8.34 12.56 -11.43
CA ILE A 283 8.14 11.31 -10.69
C ILE A 283 6.84 10.65 -11.14
N LEU A 284 6.95 9.40 -11.60
CA LEU A 284 5.80 8.70 -12.15
C LEU A 284 5.04 7.94 -11.06
N ALA A 285 4.09 8.63 -10.45
CA ALA A 285 3.43 8.12 -9.25
C ALA A 285 1.94 7.91 -9.48
N GLY A 286 1.37 6.97 -8.71
CA GLY A 286 -0.01 6.61 -8.81
C GLY A 286 -0.90 7.57 -8.02
N ILE A 287 -2.19 7.29 -8.04
CA ILE A 287 -3.19 8.18 -7.45
C ILE A 287 -3.03 8.32 -5.93
N SER A 288 -2.87 7.21 -5.23
CA SER A 288 -2.66 7.24 -3.79
C SER A 288 -1.35 7.96 -3.43
N SER A 289 -0.35 7.89 -4.31
CA SER A 289 0.89 8.64 -4.09
C SER A 289 0.65 10.17 -4.01
N GLY A 290 -0.27 10.67 -4.85
CA GLY A 290 -0.67 12.07 -4.80
C GLY A 290 -1.38 12.40 -3.51
N ALA A 291 -2.20 11.49 -3.00
CA ALA A 291 -2.91 11.74 -1.74
C ALA A 291 -1.92 11.89 -0.59
N ALA A 292 -0.97 10.96 -0.53
CA ALA A 292 0.06 10.95 0.49
C ALA A 292 0.90 12.22 0.46
N VAL A 293 1.30 12.64 -0.74
CA VAL A 293 2.08 13.88 -0.86
C VAL A 293 1.23 15.11 -0.48
N ALA A 294 -0.03 15.16 -0.92
CA ALA A 294 -0.92 16.27 -0.54
C ALA A 294 -1.02 16.41 0.98
N ALA A 295 -1.18 15.29 1.68
CA ALA A 295 -1.21 15.29 3.14
C ALA A 295 0.11 15.76 3.73
N ALA A 296 1.20 15.20 3.22
CA ALA A 296 2.54 15.56 3.67
C ALA A 296 2.83 17.04 3.47
N ASP A 297 2.35 17.58 2.34
CA ASP A 297 2.60 18.97 1.99
C ASP A 297 1.97 19.92 3.00
N ARG A 298 0.75 19.59 3.43
CA ARG A 298 0.04 20.35 4.45
C ARG A 298 0.77 20.35 5.78
N LEU A 299 1.27 19.19 6.22
CA LEU A 299 2.01 19.14 7.47
C LEU A 299 3.32 19.90 7.31
N ALA A 300 3.93 19.75 6.14
CA ALA A 300 5.23 20.33 5.85
C ALA A 300 5.23 21.86 5.84
N LYS A 301 4.04 22.44 5.72
CA LYS A 301 3.94 23.89 5.69
C LYS A 301 3.41 24.46 7.01
N LEU A 302 3.39 23.61 8.03
CA LEU A 302 3.18 24.04 9.41
C LEU A 302 4.53 24.35 10.03
N PRO A 303 4.67 25.53 10.65
CA PRO A 303 5.92 25.88 11.34
C PRO A 303 6.39 24.81 12.34
N GLU A 304 5.47 24.12 13.01
CA GLU A 304 5.88 23.04 13.91
C GLU A 304 6.59 21.87 13.20
N PHE A 305 6.44 21.77 11.88
CA PHE A 305 7.08 20.70 11.14
C PHE A 305 8.23 21.21 10.28
N ALA A 306 8.61 22.46 10.48
CA ALA A 306 9.57 23.14 9.61
C ALA A 306 10.96 22.51 9.69
N ASP A 307 11.35 22.07 10.87
CA ASP A 307 12.70 21.51 11.04
C ASP A 307 12.65 19.97 11.00
N LYS A 308 11.58 19.43 10.43
CA LYS A 308 11.33 17.99 10.47
C LYS A 308 11.47 17.37 9.09
N LEU A 309 12.13 16.22 9.04
CA LEU A 309 12.27 15.49 7.78
C LEU A 309 11.09 14.54 7.62
N ILE A 310 10.28 14.81 6.61
CA ILE A 310 9.05 14.06 6.37
C ILE A 310 9.26 13.09 5.22
N VAL A 311 9.07 11.81 5.51
CA VAL A 311 9.22 10.76 4.53
C VAL A 311 7.84 10.24 4.15
N VAL A 312 7.56 10.27 2.85
CA VAL A 312 6.26 9.90 2.30
C VAL A 312 6.36 8.67 1.41
N ILE A 313 5.50 7.68 1.67
CA ILE A 313 5.45 6.48 0.85
C ILE A 313 4.67 6.76 -0.43
N LEU A 314 5.29 6.49 -1.57
CA LEU A 314 4.62 6.54 -2.87
C LEU A 314 4.39 5.09 -3.30
N PRO A 315 3.16 4.58 -3.12
CA PRO A 315 2.94 3.13 -3.21
C PRO A 315 3.09 2.53 -4.59
N SER A 316 2.77 3.29 -5.64
CA SER A 316 2.74 2.70 -6.98
C SER A 316 3.16 3.70 -8.06
N ALA A 317 3.12 3.25 -9.32
CA ALA A 317 3.63 4.03 -10.46
C ALA A 317 2.50 4.37 -11.44
N SER A 318 2.61 5.49 -12.16
CA SER A 318 1.45 5.99 -12.90
C SER A 318 1.01 5.18 -14.14
N GLU A 319 1.89 4.40 -14.75
CA GLU A 319 1.47 3.61 -15.92
C GLU A 319 0.40 2.56 -15.59
N ARG A 320 0.30 2.18 -14.32
CA ARG A 320 -0.77 1.29 -13.87
C ARG A 320 -2.11 2.05 -13.73
N TYR A 321 -2.12 3.32 -14.15
CA TYR A 321 -3.32 4.14 -14.01
C TYR A 321 -3.64 4.91 -15.29
N LEU A 322 -3.03 4.49 -16.40
CA LEU A 322 -3.23 5.14 -17.69
C LEU A 322 -4.72 5.23 -18.05
N SER A 323 -5.51 4.23 -17.64
CA SER A 323 -6.94 4.21 -17.97
C SER A 323 -7.80 5.01 -16.99
N THR A 324 -7.16 5.65 -16.01
CA THR A 324 -7.93 6.26 -14.94
C THR A 324 -8.04 7.76 -15.13
N ALA A 325 -8.73 8.41 -14.19
CA ALA A 325 -8.90 9.85 -14.21
C ALA A 325 -7.54 10.56 -14.04
N LEU A 326 -6.51 9.80 -13.68
CA LEU A 326 -5.16 10.35 -13.63
C LEU A 326 -4.76 10.87 -14.99
N PHE A 327 -5.07 10.12 -16.04
CA PHE A 327 -4.84 10.56 -17.42
C PHE A 327 -6.14 10.94 -18.12
N PHE B 4 -20.18 4.56 -5.64
CA PHE B 4 -19.66 3.20 -5.65
C PHE B 4 -18.21 3.14 -6.13
N GLU B 5 -17.66 4.30 -6.50
CA GLU B 5 -16.32 4.43 -7.07
C GLU B 5 -15.20 3.67 -6.34
N TYR B 6 -15.23 3.68 -5.01
CA TYR B 6 -14.06 3.26 -4.20
C TYR B 6 -13.68 1.77 -4.25
N GLY B 7 -14.58 0.83 -3.92
CA GLY B 7 -15.96 1.05 -3.52
C GLY B 7 -16.10 1.21 -2.02
N ASP B 8 -17.33 1.41 -1.55
CA ASP B 8 -17.61 1.71 -0.16
C ASP B 8 -17.18 0.55 0.76
N GLY B 9 -16.86 -0.59 0.15
CA GLY B 9 -16.39 -1.74 0.90
C GLY B 9 -14.90 -1.88 0.84
C1 GOL C . -6.81 18.61 0.15
O1 GOL C . -7.77 17.62 0.48
C2 GOL C . -6.02 19.03 1.39
O2 GOL C . -4.84 19.69 0.98
C3 GOL C . -5.66 17.81 2.23
O3 GOL C . -4.84 18.20 3.31
N OAS D . -6.97 -3.42 -0.96
CA OAS D . -6.73 -2.00 -0.98
CB OAS D . -6.29 -1.51 -2.35
OG OAS D . -6.67 -2.50 -3.30
C OAS D . -7.94 -1.16 -0.61
O OAS D . -8.38 -0.89 0.52
C2A OAS D . -5.52 -1.57 -5.14
C1A OAS D . -6.83 -1.99 -4.54
OAC OAS D . -7.95 -1.49 -4.74
OXT OAS D . -8.59 -0.66 -1.69
C1 GOL E . -5.72 -1.14 17.25
O1 GOL E . -5.45 -1.24 15.87
C2 GOL E . -4.80 -2.11 17.98
O2 GOL E . -3.43 -1.85 17.69
C3 GOL E . -5.12 -2.09 19.47
O3 GOL E . -6.27 -2.90 19.62
O 0JO F . -3.46 -4.04 -3.82
C 0JO F . -4.19 -4.07 -2.82
OXT 0JO F . -5.22 -4.76 -2.83
CA 0JO F . -3.78 -3.25 -1.62
CB 0JO F . -4.72 -3.26 -0.60
N 0JO F . -3.07 -2.03 -1.98
C4A 0JO F . -2.25 -1.40 -0.99
C4 0JO F . -2.05 0.07 -1.43
C3 0JO F . -2.01 0.37 -2.73
O3 0JO F . -2.16 -0.65 -3.67
C2 0JO F . -1.85 1.66 -3.19
C2A 0JO F . -1.82 1.93 -4.59
N1 0JO F . -1.72 2.70 -2.35
C6 0JO F . -1.72 2.39 -1.03
C5 0JO F . -1.89 1.10 -0.54
C5A 0JO F . -1.92 0.94 0.99
OP4 0JO F . -0.86 0.32 1.56
P 0JO F . -1.03 -0.55 2.77
OP3 0JO F . 0.17 -1.13 3.27
OP1 0JO F . -1.64 0.21 3.82
OP2 0JO F . -1.96 -1.58 2.43
#